data_6A0Y
#
_entry.id   6A0Y
#
_cell.length_a   137.711
_cell.length_b   137.711
_cell.length_c   112.003
_cell.angle_alpha   90.00
_cell.angle_beta   90.00
_cell.angle_gamma   90.00
#
_symmetry.space_group_name_H-M   'I 4 2 2'
#
loop_
_entity.id
_entity.type
_entity.pdbx_description
1 polymer '4-hydroxymandelate oxidase'
2 non-polymer 'FLAVIN MONONUCLEOTIDE'
3 non-polymer 'BENZOIC ACID'
4 water water
#
_entity_poly.entity_id   1
_entity_poly.type   'polypeptide(L)'
_entity_poly.pdbx_seq_one_letter_code
;MGSSHHHHHHSSGLVPRGSHMTYVSLADLERAARDVLPGEIFDFLAGGSGTEASLVANRTALERVFVIPRMLRDLTDVTT
EIDIFGRRAALPMAVAPVAYQRLFHPEGELAVARAARDAGVPYTICTLSSVSLEEIAAVGGRPWFQLFWLRDEKRSLDLV
RRAEDAGCEAIVFTVDVPWMGRRLRDMRNGFALPEWVTAANFDAGTAAHRRTQGVSAVADHTAREFAPATWESVEAVRAH
TDLPVVLKGILAVEDARRAVDAGAGGIVVSNHGGRQLDGAVPGIEMLGEIVAAVSGGCEVLVDGGIRSGGDVLKATALGA
SAVLVGRPVMWALAAAGQDGVRQLLELLAEEVRDAMGLAGCESVGAARRLNTKLGVV
;
_entity_poly.pdbx_strand_id   A
#
loop_
_chem_comp.id
_chem_comp.type
_chem_comp.name
_chem_comp.formula
BEZ non-polymer 'BENZOIC ACID' 'C7 H6 O2'
FMN non-polymer 'FLAVIN MONONUCLEOTIDE' 'C17 H21 N4 O9 P'
#
# COMPACT_ATOMS: atom_id res chain seq x y z
N THR A 22 11.44 -2.66 -22.16
CA THR A 22 11.16 -4.00 -21.55
C THR A 22 11.85 -4.13 -20.18
N TYR A 23 11.10 -3.81 -19.12
CA TYR A 23 11.60 -3.89 -17.75
C TYR A 23 11.44 -5.33 -17.26
N VAL A 24 12.50 -5.93 -16.71
CA VAL A 24 12.43 -7.34 -16.21
C VAL A 24 12.38 -7.46 -14.66
N SER A 25 12.56 -6.33 -13.97
CA SER A 25 12.41 -6.23 -12.51
C SER A 25 11.94 -4.80 -12.13
N LEU A 26 11.41 -4.67 -10.92
CA LEU A 26 11.01 -3.35 -10.41
C LEU A 26 12.18 -2.43 -10.25
N ALA A 27 13.38 -2.98 -10.02
CA ALA A 27 14.60 -2.18 -9.93
C ALA A 27 14.99 -1.48 -11.23
N ASP A 28 14.63 -2.06 -12.38
CA ASP A 28 14.81 -1.34 -13.67
C ASP A 28 14.05 0.01 -13.67
N LEU A 29 12.86 0.02 -13.08
CA LEU A 29 12.06 1.26 -13.02
C LEU A 29 12.65 2.34 -12.10
N GLU A 30 13.27 1.96 -10.98
N GLU A 30 13.27 1.94 -11.01
CA GLU A 30 13.90 2.95 -10.07
CA GLU A 30 13.90 2.87 -10.08
C GLU A 30 15.00 3.71 -10.79
C GLU A 30 15.03 3.67 -10.74
N ARG A 31 15.84 2.98 -11.55
CA ARG A 31 16.96 3.60 -12.28
C ARG A 31 16.42 4.64 -13.27
N ALA A 32 15.37 4.25 -14.00
CA ALA A 32 14.70 5.15 -14.94
C ALA A 32 14.09 6.38 -14.26
N ALA A 33 13.42 6.19 -13.12
CA ALA A 33 12.86 7.33 -12.38
C ALA A 33 13.93 8.29 -11.86
N ARG A 34 15.05 7.74 -11.39
CA ARG A 34 16.17 8.56 -10.91
C ARG A 34 16.72 9.46 -12.00
N ASP A 35 16.88 8.91 -13.21
CA ASP A 35 17.36 9.71 -14.35
C ASP A 35 16.46 10.88 -14.69
N VAL A 36 15.14 10.65 -14.70
CA VAL A 36 14.19 11.69 -15.15
C VAL A 36 13.78 12.72 -14.08
N LEU A 37 13.66 12.30 -12.81
CA LEU A 37 13.13 13.22 -11.79
C LEU A 37 14.19 14.19 -11.28
N PRO A 38 13.79 15.44 -11.02
CA PRO A 38 14.66 16.33 -10.26
C PRO A 38 15.04 15.70 -8.90
N GLY A 39 16.30 15.83 -8.50
CA GLY A 39 16.82 15.23 -7.27
C GLY A 39 15.96 15.41 -6.03
N GLU A 40 15.45 16.63 -5.82
CA GLU A 40 14.66 16.91 -4.62
C GLU A 40 13.32 16.16 -4.62
N ILE A 41 12.75 15.96 -5.82
CA ILE A 41 11.52 15.17 -5.96
C ILE A 41 11.81 13.67 -5.78
N PHE A 42 12.89 13.18 -6.38
CA PHE A 42 13.32 11.82 -6.14
C PHE A 42 13.53 11.57 -4.63
N ASP A 43 14.15 12.54 -3.94
CA ASP A 43 14.36 12.43 -2.51
C ASP A 43 13.08 12.45 -1.71
N PHE A 44 12.10 13.27 -2.10
CA PHE A 44 10.79 13.28 -1.45
C PHE A 44 10.17 11.87 -1.52
N LEU A 45 10.30 11.25 -2.68
CA LEU A 45 9.77 9.92 -2.93
C LEU A 45 10.53 8.83 -2.18
N ALA A 46 11.86 8.85 -2.30
CA ALA A 46 12.70 7.75 -1.79
C ALA A 46 12.88 7.78 -0.28
N GLY A 47 12.88 8.98 0.30
CA GLY A 47 13.38 9.17 1.64
C GLY A 47 12.53 8.63 2.75
N GLY A 48 13.14 8.53 3.92
CA GLY A 48 12.43 8.20 5.16
C GLY A 48 12.76 9.23 6.21
N SER A 49 12.30 8.99 7.43
CA SER A 49 12.55 9.90 8.55
C SER A 49 13.89 9.59 9.21
N GLY A 50 14.41 10.56 9.95
CA GLY A 50 15.62 10.35 10.74
C GLY A 50 16.82 9.81 9.98
N THR A 51 17.41 8.74 10.50
CA THR A 51 18.55 8.07 9.89
C THR A 51 18.15 7.07 8.80
N GLU A 52 16.85 6.94 8.53
CA GLU A 52 16.32 6.01 7.55
C GLU A 52 16.51 4.55 7.98
N ALA A 53 16.60 4.32 9.29
CA ALA A 53 16.75 2.96 9.81
C ALA A 53 15.53 2.10 9.47
N SER A 54 14.33 2.66 9.59
CA SER A 54 13.11 1.89 9.33
C SER A 54 12.91 1.66 7.84
N LEU A 55 13.31 2.63 7.03
CA LEU A 55 13.29 2.48 5.57
C LEU A 55 14.13 1.29 5.12
N VAL A 56 15.37 1.24 5.60
CA VAL A 56 16.28 0.15 5.26
C VAL A 56 15.77 -1.17 5.85
N ALA A 57 15.26 -1.14 7.09
CA ALA A 57 14.81 -2.36 7.75
C ALA A 57 13.63 -3.03 7.02
N ASN A 58 12.80 -2.25 6.34
CA ASN A 58 11.72 -2.84 5.53
C ASN A 58 12.30 -3.82 4.52
N ARG A 59 13.38 -3.42 3.85
CA ARG A 59 14.03 -4.29 2.89
C ARG A 59 14.77 -5.43 3.54
N THR A 60 15.56 -5.12 4.57
N THR A 60 15.56 -5.15 4.58
CA THR A 60 16.31 -6.15 5.31
CA THR A 60 16.33 -6.23 5.21
C THR A 60 15.39 -7.28 5.77
C THR A 60 15.44 -7.30 5.85
N ALA A 61 14.27 -6.90 6.37
CA ALA A 61 13.32 -7.87 6.93
C ALA A 61 12.79 -8.82 5.86
N LEU A 62 12.41 -8.30 4.69
CA LEU A 62 11.97 -9.16 3.59
C LEU A 62 13.07 -10.08 3.11
N GLU A 63 14.27 -9.55 3.04
CA GLU A 63 15.42 -10.34 2.58
C GLU A 63 15.79 -11.50 3.52
N ARG A 64 15.43 -11.40 4.81
N ARG A 64 15.43 -11.40 4.80
CA ARG A 64 15.64 -12.47 5.78
CA ARG A 64 15.64 -12.50 5.76
C ARG A 64 14.64 -13.63 5.65
C ARG A 64 14.64 -13.63 5.65
N VAL A 65 13.50 -13.41 4.99
CA VAL A 65 12.45 -14.41 4.92
C VAL A 65 12.69 -15.33 3.74
N PHE A 66 12.70 -16.63 3.98
CA PHE A 66 12.73 -17.61 2.90
C PHE A 66 11.46 -18.41 2.95
N VAL A 67 10.95 -18.73 1.76
CA VAL A 67 9.75 -19.54 1.62
C VAL A 67 10.12 -21.01 1.51
N ILE A 68 9.30 -21.88 2.10
CA ILE A 68 9.40 -23.34 1.93
C ILE A 68 8.35 -23.77 0.89
N PRO A 69 8.75 -23.88 -0.39
CA PRO A 69 7.77 -24.19 -1.43
C PRO A 69 7.27 -25.63 -1.40
N ARG A 70 6.05 -25.83 -1.85
CA ARG A 70 5.50 -27.15 -2.02
C ARG A 70 5.60 -27.59 -3.46
N MET A 71 5.72 -28.90 -3.64
CA MET A 71 5.87 -29.47 -4.98
C MET A 71 4.70 -30.37 -5.35
N LEU A 72 4.54 -30.57 -6.65
CA LEU A 72 3.74 -31.65 -7.21
C LEU A 72 2.23 -31.48 -6.98
N ARG A 73 1.80 -30.23 -6.76
N ARG A 73 1.80 -30.23 -6.78
CA ARG A 73 0.39 -29.90 -6.60
CA ARG A 73 0.38 -29.92 -6.58
C ARG A 73 -0.23 -29.60 -7.95
C ARG A 73 -0.24 -29.50 -7.92
N ASP A 74 -1.55 -29.66 -8.02
CA ASP A 74 -2.28 -29.33 -9.26
C ASP A 74 -2.21 -27.83 -9.51
N LEU A 75 -1.68 -27.45 -10.67
CA LEU A 75 -1.58 -26.05 -11.06
C LEU A 75 -2.34 -25.80 -12.35
N THR A 76 -3.38 -26.60 -12.62
CA THR A 76 -4.07 -26.47 -13.91
C THR A 76 -4.79 -25.12 -14.00
N ASP A 77 -5.34 -24.65 -12.89
CA ASP A 77 -6.09 -23.38 -12.83
C ASP A 77 -5.47 -22.39 -11.83
N VAL A 78 -4.18 -22.07 -11.98
CA VAL A 78 -3.51 -21.12 -11.06
C VAL A 78 -4.21 -19.77 -11.20
N THR A 79 -4.63 -19.19 -10.08
CA THR A 79 -5.25 -17.87 -10.10
C THR A 79 -4.65 -16.99 -9.00
N THR A 80 -4.32 -15.75 -9.37
CA THR A 80 -3.81 -14.76 -8.42
C THR A 80 -4.91 -13.87 -7.85
N GLU A 81 -6.17 -14.16 -8.15
CA GLU A 81 -7.28 -13.34 -7.73
C GLU A 81 -7.60 -13.51 -6.27
N ILE A 82 -8.10 -12.43 -5.67
CA ILE A 82 -8.65 -12.49 -4.33
C ILE A 82 -9.96 -11.71 -4.29
N ASP A 83 -10.75 -11.97 -3.27
CA ASP A 83 -11.90 -11.12 -2.92
C ASP A 83 -11.52 -10.33 -1.70
N ILE A 84 -11.71 -9.01 -1.78
CA ILE A 84 -11.39 -8.15 -0.65
C ILE A 84 -12.35 -6.97 -0.59
N PHE A 85 -12.93 -6.75 0.59
CA PHE A 85 -13.92 -5.67 0.79
C PHE A 85 -15.02 -5.75 -0.28
N GLY A 86 -15.52 -6.98 -0.49
CA GLY A 86 -16.63 -7.25 -1.40
C GLY A 86 -16.37 -7.19 -2.89
N ARG A 87 -15.11 -7.13 -3.30
CA ARG A 87 -14.78 -7.00 -4.71
C ARG A 87 -13.65 -7.93 -5.06
N ARG A 88 -13.70 -8.44 -6.28
CA ARG A 88 -12.62 -9.24 -6.83
C ARG A 88 -11.46 -8.29 -7.15
N ALA A 89 -10.23 -8.70 -6.86
CA ALA A 89 -9.03 -8.01 -7.33
C ALA A 89 -8.20 -9.02 -8.11
N ALA A 90 -7.48 -8.56 -9.14
CA ALA A 90 -6.71 -9.46 -10.02
C ALA A 90 -5.47 -10.06 -9.37
N LEU A 91 -4.96 -9.36 -8.36
CA LEU A 91 -3.76 -9.74 -7.61
C LEU A 91 -4.03 -9.44 -6.16
N PRO A 92 -3.27 -10.04 -5.24
CA PRO A 92 -3.38 -9.68 -3.82
C PRO A 92 -2.57 -8.42 -3.53
N MET A 93 -2.97 -7.34 -4.17
CA MET A 93 -2.19 -6.10 -4.18
CA MET A 93 -2.23 -6.08 -4.06
C MET A 93 -3.10 -4.92 -4.45
N ALA A 94 -2.80 -3.77 -3.86
CA ALA A 94 -3.42 -2.50 -4.22
C ALA A 94 -2.32 -1.45 -4.27
N VAL A 95 -2.57 -0.37 -5.01
CA VAL A 95 -1.64 0.75 -5.03
C VAL A 95 -1.77 1.52 -3.73
N ALA A 96 -0.65 1.72 -3.04
CA ALA A 96 -0.65 2.42 -1.77
C ALA A 96 -1.02 3.89 -1.96
N PRO A 97 -1.60 4.53 -0.94
CA PRO A 97 -1.74 5.99 -0.98
C PRO A 97 -0.39 6.70 -1.02
N VAL A 98 -0.13 7.48 -2.07
CA VAL A 98 1.04 8.33 -2.16
C VAL A 98 0.57 9.72 -2.55
N ALA A 99 0.79 10.69 -1.69
CA ALA A 99 0.33 12.06 -1.93
C ALA A 99 0.96 12.71 -3.17
N TYR A 100 0.23 13.65 -3.79
CA TYR A 100 0.82 14.60 -4.76
C TYR A 100 1.50 13.95 -5.97
N GLN A 101 0.77 13.06 -6.65
CA GLN A 101 1.36 12.29 -7.73
C GLN A 101 1.73 13.12 -8.98
N ARG A 102 1.15 14.32 -9.11
CA ARG A 102 1.62 15.24 -10.15
C ARG A 102 3.06 15.68 -9.98
N LEU A 103 3.64 15.46 -8.79
CA LEU A 103 5.07 15.66 -8.64
C LEU A 103 5.89 14.82 -9.60
N PHE A 104 5.39 13.63 -9.93
CA PHE A 104 6.14 12.62 -10.66
C PHE A 104 5.86 12.58 -12.16
N HIS A 105 4.70 13.05 -12.58
CA HIS A 105 4.29 13.02 -13.99
C HIS A 105 3.12 13.98 -14.13
N PRO A 106 2.98 14.66 -15.29
CA PRO A 106 1.86 15.62 -15.42
C PRO A 106 0.45 15.07 -15.26
N GLU A 107 0.22 13.82 -15.67
CA GLU A 107 -1.07 13.18 -15.50
C GLU A 107 -1.33 12.69 -14.07
N GLY A 108 -0.27 12.57 -13.30
CA GLY A 108 -0.41 12.27 -11.85
C GLY A 108 -1.31 11.11 -11.55
N GLU A 109 -2.24 11.32 -10.63
CA GLU A 109 -3.16 10.28 -10.17
C GLU A 109 -4.02 9.66 -11.27
N LEU A 110 -4.36 10.43 -12.32
CA LEU A 110 -5.19 9.86 -13.37
C LEU A 110 -4.46 8.79 -14.12
N ALA A 111 -3.15 8.97 -14.38
CA ALA A 111 -2.36 7.96 -15.08
C ALA A 111 -2.29 6.67 -14.23
N VAL A 112 -2.06 6.85 -12.93
CA VAL A 112 -1.92 5.68 -12.07
C VAL A 112 -3.26 4.95 -11.93
N ALA A 113 -4.34 5.69 -11.69
CA ALA A 113 -5.65 5.08 -11.50
C ALA A 113 -6.13 4.34 -12.76
N ARG A 114 -5.86 4.92 -13.93
CA ARG A 114 -6.21 4.26 -15.18
C ARG A 114 -5.51 2.90 -15.35
N ALA A 115 -4.19 2.89 -15.14
CA ALA A 115 -3.41 1.67 -15.23
C ALA A 115 -3.85 0.64 -14.20
N ALA A 116 -4.14 1.09 -12.97
CA ALA A 116 -4.65 0.19 -11.93
C ALA A 116 -6.00 -0.44 -12.30
N ARG A 117 -6.92 0.41 -12.77
CA ARG A 117 -8.20 -0.06 -13.28
C ARG A 117 -8.02 -1.16 -14.33
N ASP A 118 -7.15 -0.89 -15.30
CA ASP A 118 -6.97 -1.79 -16.45
C ASP A 118 -6.35 -3.12 -15.99
N ALA A 119 -5.55 -3.07 -14.92
CA ALA A 119 -4.91 -4.25 -14.35
C ALA A 119 -5.77 -5.00 -13.34
N GLY A 120 -6.89 -4.44 -12.94
CA GLY A 120 -7.78 -5.07 -11.98
C GLY A 120 -7.27 -4.96 -10.55
N VAL A 121 -6.48 -3.93 -10.27
CA VAL A 121 -5.86 -3.68 -8.97
CA VAL A 121 -6.01 -3.74 -8.90
C VAL A 121 -6.53 -2.45 -8.32
N PRO A 122 -6.96 -2.53 -7.03
CA PRO A 122 -7.46 -1.33 -6.39
C PRO A 122 -6.43 -0.20 -6.32
N TYR A 123 -6.91 1.02 -6.49
CA TYR A 123 -6.11 2.23 -6.38
C TYR A 123 -6.58 3.02 -5.17
N THR A 124 -5.65 3.41 -4.29
CA THR A 124 -6.01 4.24 -3.15
C THR A 124 -5.89 5.74 -3.44
N ILE A 125 -7.03 6.41 -3.51
CA ILE A 125 -7.07 7.86 -3.68
C ILE A 125 -6.71 8.55 -2.36
N CYS A 126 -5.76 9.47 -2.41
CA CYS A 126 -5.29 10.20 -1.22
C CYS A 126 -6.11 11.43 -0.84
N THR A 127 -6.22 11.67 0.47
CA THR A 127 -6.68 12.99 0.97
C THR A 127 -5.87 14.11 0.33
N LEU A 128 -4.56 13.93 0.21
CA LEU A 128 -3.65 14.93 -0.39
C LEU A 128 -3.36 14.62 -1.86
N SER A 129 -4.38 14.21 -2.60
CA SER A 129 -4.22 14.00 -4.04
C SER A 129 -4.08 15.34 -4.76
N SER A 130 -3.33 15.33 -5.85
CA SER A 130 -3.10 16.54 -6.68
C SER A 130 -4.11 16.66 -7.81
N VAL A 131 -5.03 15.70 -7.89
CA VAL A 131 -6.23 15.78 -8.73
C VAL A 131 -7.37 15.43 -7.79
N SER A 132 -8.53 16.04 -7.98
CA SER A 132 -9.63 15.84 -7.04
C SER A 132 -10.09 14.39 -6.98
N LEU A 133 -10.55 13.96 -5.79
CA LEU A 133 -10.98 12.58 -5.62
C LEU A 133 -12.12 12.21 -6.57
N GLU A 134 -13.01 13.16 -6.88
CA GLU A 134 -14.10 12.85 -7.81
C GLU A 134 -13.61 12.56 -9.23
N GLU A 135 -12.64 13.32 -9.70
CA GLU A 135 -12.03 13.06 -11.02
C GLU A 135 -11.33 11.71 -11.06
N ILE A 136 -10.57 11.39 -10.00
CA ILE A 136 -9.89 10.10 -9.99
C ILE A 136 -10.90 8.97 -9.93
N ALA A 137 -11.93 9.07 -9.10
CA ALA A 137 -12.95 8.02 -9.01
C ALA A 137 -13.68 7.81 -10.34
N ALA A 138 -13.84 8.90 -11.09
CA ALA A 138 -14.50 8.83 -12.41
C ALA A 138 -13.77 7.95 -13.42
N VAL A 139 -12.47 7.76 -13.23
CA VAL A 139 -11.69 6.85 -14.03
C VAL A 139 -12.30 5.44 -14.00
N GLY A 140 -12.94 5.07 -12.90
CA GLY A 140 -13.52 3.74 -12.73
C GLY A 140 -12.64 2.84 -11.89
N GLY A 141 -12.77 1.54 -12.10
CA GLY A 141 -11.93 0.57 -11.39
C GLY A 141 -12.41 0.38 -9.97
N ARG A 142 -11.48 0.08 -9.06
CA ARG A 142 -11.82 -0.23 -7.66
C ARG A 142 -11.23 0.85 -6.75
N PRO A 143 -11.76 2.11 -6.77
CA PRO A 143 -11.01 3.09 -5.98
C PRO A 143 -11.32 2.93 -4.48
N TRP A 144 -10.26 3.03 -3.69
CA TRP A 144 -10.39 3.21 -2.24
C TRP A 144 -10.06 4.64 -1.94
N PHE A 145 -10.39 5.12 -0.73
CA PHE A 145 -10.06 6.49 -0.35
C PHE A 145 -9.30 6.49 0.97
N GLN A 146 -8.15 7.15 0.98
CA GLN A 146 -7.32 7.27 2.18
C GLN A 146 -7.65 8.57 2.89
N LEU A 147 -7.91 8.48 4.19
CA LEU A 147 -8.29 9.63 5.03
C LEU A 147 -7.15 10.03 5.96
N PHE A 148 -6.83 11.32 5.96
CA PHE A 148 -6.12 11.96 7.05
C PHE A 148 -7.16 12.75 7.85
N TRP A 149 -7.12 12.61 9.17
CA TRP A 149 -8.08 13.28 10.05
C TRP A 149 -7.86 14.80 10.03
N LEU A 150 -8.94 15.55 9.79
CA LEU A 150 -8.84 17.02 9.71
C LEU A 150 -9.10 17.65 11.09
N ARG A 151 -8.66 18.90 11.22
CA ARG A 151 -9.06 19.85 12.27
C ARG A 151 -10.36 19.60 13.03
N ASP A 152 -11.47 19.31 12.34
CA ASP A 152 -12.70 18.99 13.07
C ASP A 152 -13.45 17.85 12.45
N GLU A 153 -14.10 17.07 13.32
CA GLU A 153 -14.91 15.94 12.93
C GLU A 153 -15.76 16.22 11.67
N LYS A 154 -16.41 17.38 11.59
CA LYS A 154 -17.36 17.66 10.51
C LYS A 154 -16.69 17.67 9.12
N ARG A 155 -15.54 18.32 8.97
CA ARG A 155 -14.83 18.31 7.68
C ARG A 155 -14.31 16.90 7.31
N SER A 156 -13.86 16.16 8.33
CA SER A 156 -13.34 14.80 8.10
C SER A 156 -14.43 13.93 7.54
N LEU A 157 -15.60 13.99 8.19
CA LEU A 157 -16.73 13.20 7.80
C LEU A 157 -17.28 13.61 6.42
N ASP A 158 -17.23 14.90 6.09
N ASP A 158 -17.22 14.91 6.08
CA ASP A 158 -17.64 15.38 4.77
CA ASP A 158 -17.58 15.39 4.72
C ASP A 158 -16.72 14.81 3.66
C ASP A 158 -16.72 14.76 3.66
N LEU A 159 -15.43 14.65 3.96
CA LEU A 159 -14.48 14.07 3.05
C LEU A 159 -14.80 12.58 2.84
N VAL A 160 -15.14 11.89 3.92
CA VAL A 160 -15.56 10.48 3.82
C VAL A 160 -16.83 10.39 2.97
N ARG A 161 -17.79 11.28 3.21
CA ARG A 161 -19.04 11.27 2.46
C ARG A 161 -18.80 11.54 0.96
N ARG A 162 -17.92 12.48 0.64
CA ARG A 162 -17.55 12.74 -0.75
C ARG A 162 -17.02 11.50 -1.41
N ALA A 163 -16.11 10.82 -0.71
CA ALA A 163 -15.49 9.63 -1.26
C ALA A 163 -16.54 8.55 -1.50
N GLU A 164 -17.42 8.35 -0.52
CA GLU A 164 -18.48 7.36 -0.65
C GLU A 164 -19.45 7.70 -1.82
N ASP A 165 -19.82 8.98 -1.90
CA ASP A 165 -20.71 9.46 -2.98
C ASP A 165 -20.07 9.25 -4.36
N ALA A 166 -18.74 9.40 -4.43
CA ALA A 166 -18.00 9.20 -5.71
C ALA A 166 -17.76 7.75 -6.11
N GLY A 167 -18.15 6.80 -5.26
CA GLY A 167 -18.05 5.37 -5.53
C GLY A 167 -16.80 4.69 -4.99
N CYS A 168 -16.11 5.33 -4.04
CA CYS A 168 -14.98 4.64 -3.39
C CYS A 168 -15.53 3.50 -2.57
N GLU A 169 -14.78 2.42 -2.46
N GLU A 169 -14.76 2.43 -2.48
CA GLU A 169 -15.29 1.18 -1.89
CA GLU A 169 -15.19 1.13 -1.96
C GLU A 169 -14.73 0.83 -0.51
C GLU A 169 -14.71 0.81 -0.54
N ALA A 170 -13.78 1.60 -0.01
CA ALA A 170 -13.24 1.40 1.34
C ALA A 170 -12.62 2.69 1.80
N ILE A 171 -12.59 2.93 3.11
CA ILE A 171 -11.93 4.07 3.67
C ILE A 171 -10.68 3.57 4.36
N VAL A 172 -9.52 3.99 3.86
CA VAL A 172 -8.24 3.63 4.43
C VAL A 172 -7.84 4.78 5.34
N PHE A 173 -8.10 4.61 6.63
CA PHE A 173 -7.87 5.68 7.61
C PHE A 173 -6.42 5.54 8.05
N THR A 174 -5.59 6.52 7.74
CA THR A 174 -4.19 6.47 8.14
C THR A 174 -4.09 6.87 9.60
N VAL A 175 -3.51 5.97 10.40
CA VAL A 175 -3.53 6.15 11.85
C VAL A 175 -2.16 6.35 12.45
N ASP A 176 -1.11 6.45 11.60
CA ASP A 176 0.28 6.59 12.09
C ASP A 176 0.86 7.98 11.85
N VAL A 177 -0.02 8.96 11.59
CA VAL A 177 0.39 10.33 11.29
C VAL A 177 -0.36 11.29 12.20
N PRO A 178 -0.05 11.29 13.51
CA PRO A 178 -0.56 12.40 14.33
C PRO A 178 -0.01 13.72 13.82
N TRP A 179 1.21 13.66 13.32
CA TRP A 179 1.83 14.70 12.52
C TRP A 179 2.84 14.02 11.63
N MET A 180 3.35 14.74 10.63
CA MET A 180 4.35 14.16 9.72
C MET A 180 5.71 14.00 10.37
N GLY A 181 6.37 12.89 10.07
CA GLY A 181 7.72 12.63 10.51
C GLY A 181 8.75 13.60 9.98
N ARG A 182 9.96 13.52 10.54
N ARG A 182 9.96 13.50 10.52
CA ARG A 182 11.09 14.38 10.20
CA ARG A 182 11.06 14.40 10.19
C ARG A 182 11.91 13.78 9.07
C ARG A 182 11.90 13.80 9.08
N ARG A 183 11.62 14.20 7.85
CA ARG A 183 12.28 13.66 6.65
CA ARG A 183 12.31 13.66 6.68
C ARG A 183 13.50 14.56 6.34
N LEU A 184 14.68 14.11 6.74
CA LEU A 184 15.87 14.98 6.69
C LEU A 184 16.32 15.32 5.28
N ARG A 185 16.05 14.45 4.30
CA ARG A 185 16.37 14.81 2.90
C ARG A 185 15.59 16.05 2.49
N ASP A 186 14.31 16.11 2.88
CA ASP A 186 13.44 17.24 2.52
C ASP A 186 13.86 18.50 3.24
N MET A 187 14.24 18.36 4.51
CA MET A 187 14.74 19.52 5.28
C MET A 187 16.03 20.06 4.67
N ARG A 188 16.97 19.17 4.35
CA ARG A 188 18.24 19.58 3.73
C ARG A 188 18.05 20.21 2.36
N ASN A 189 17.15 19.64 1.57
CA ASN A 189 16.83 20.18 0.25
C ASN A 189 15.99 21.45 0.29
N GLY A 190 15.38 21.76 1.42
CA GLY A 190 14.38 22.83 1.51
C GLY A 190 13.20 22.55 0.59
N PHE A 191 12.77 21.29 0.54
CA PHE A 191 11.77 20.86 -0.42
C PHE A 191 10.41 21.50 -0.13
N ALA A 192 9.76 21.97 -1.18
CA ALA A 192 8.41 22.49 -1.09
C ALA A 192 7.69 22.12 -2.37
N LEU A 193 6.36 22.04 -2.30
CA LEU A 193 5.58 21.76 -3.49
C LEU A 193 5.78 22.88 -4.50
N PRO A 194 6.00 22.54 -5.78
CA PRO A 194 5.90 23.56 -6.81
C PRO A 194 4.51 24.21 -6.83
N GLU A 195 4.42 25.42 -7.36
CA GLU A 195 3.12 26.11 -7.45
C GLU A 195 2.07 25.33 -8.27
N TRP A 196 2.55 24.51 -9.21
CA TRP A 196 1.66 23.75 -10.08
CA TRP A 196 1.70 23.72 -10.10
C TRP A 196 1.15 22.42 -9.47
N VAL A 197 1.52 22.13 -8.22
CA VAL A 197 0.99 20.97 -7.49
C VAL A 197 0.29 21.49 -6.25
N THR A 198 -1.00 21.15 -6.12
CA THR A 198 -1.78 21.53 -4.95
C THR A 198 -2.56 20.33 -4.40
N ALA A 199 -3.04 20.49 -3.17
CA ALA A 199 -3.98 19.55 -2.55
C ALA A 199 -5.37 19.80 -3.13
N ALA A 200 -5.66 19.07 -4.21
CA ALA A 200 -6.83 19.34 -5.06
C ALA A 200 -8.19 19.08 -4.39
N ASN A 201 -8.22 18.32 -3.29
CA ASN A 201 -9.46 18.10 -2.56
C ASN A 201 -9.90 19.28 -1.69
N PHE A 202 -9.05 20.30 -1.57
CA PHE A 202 -9.29 21.49 -0.73
C PHE A 202 -9.25 22.79 -1.57
N ASP A 203 -9.81 23.86 -1.03
CA ASP A 203 -9.70 25.20 -1.66
C ASP A 203 -8.28 25.79 -1.58
N PHE A 226 -5.05 19.80 9.80
CA PHE A 226 -5.11 18.42 10.29
C PHE A 226 -4.87 18.32 11.80
N ALA A 227 -5.43 17.27 12.40
CA ALA A 227 -5.28 17.00 13.85
C ALA A 227 -5.06 15.51 14.09
N PRO A 228 -4.42 15.14 15.21
CA PRO A 228 -4.21 13.71 15.50
C PRO A 228 -5.50 12.88 15.66
N ALA A 229 -5.58 11.77 14.94
CA ALA A 229 -6.70 10.85 15.09
C ALA A 229 -6.58 10.04 16.38
N THR A 230 -7.73 9.71 16.96
CA THR A 230 -7.81 8.79 18.09
C THR A 230 -8.83 7.67 17.78
N TRP A 231 -9.01 6.76 18.73
CA TRP A 231 -10.04 5.73 18.61
C TRP A 231 -11.45 6.33 18.50
N GLU A 232 -11.67 7.50 19.12
CA GLU A 232 -12.95 8.19 18.96
CA GLU A 232 -12.93 8.24 18.97
C GLU A 232 -13.16 8.62 17.50
N SER A 233 -12.11 9.05 16.82
CA SER A 233 -12.18 9.40 15.40
C SER A 233 -12.56 8.21 14.54
N VAL A 234 -11.93 7.07 14.83
CA VAL A 234 -12.26 5.82 14.14
C VAL A 234 -13.75 5.52 14.29
N GLU A 235 -14.27 5.64 15.51
CA GLU A 235 -15.69 5.38 15.75
C GLU A 235 -16.60 6.34 14.98
N ALA A 236 -16.19 7.60 14.91
CA ALA A 236 -16.96 8.60 14.17
C ALA A 236 -17.03 8.24 12.68
N VAL A 237 -15.91 7.79 12.14
CA VAL A 237 -15.90 7.35 10.75
C VAL A 237 -16.76 6.10 10.58
N ARG A 238 -16.58 5.09 11.44
CA ARG A 238 -17.34 3.84 11.34
C ARG A 238 -18.85 4.08 11.42
N ALA A 239 -19.26 5.05 12.23
CA ALA A 239 -20.67 5.36 12.41
C ALA A 239 -21.28 6.10 11.22
N HIS A 240 -20.45 6.77 10.41
CA HIS A 240 -20.89 7.65 9.33
C HIS A 240 -20.82 7.00 7.94
N THR A 241 -20.39 5.75 7.84
CA THR A 241 -20.27 5.09 6.53
C THR A 241 -20.62 3.62 6.64
N ASP A 242 -21.19 3.09 5.56
CA ASP A 242 -21.33 1.65 5.39
C ASP A 242 -20.09 1.03 4.76
N LEU A 243 -19.12 1.83 4.30
CA LEU A 243 -17.92 1.25 3.68
C LEU A 243 -17.04 0.61 4.75
N PRO A 244 -16.29 -0.42 4.38
CA PRO A 244 -15.28 -0.95 5.29
C PRO A 244 -14.23 0.09 5.62
N VAL A 245 -13.91 0.19 6.90
CA VAL A 245 -12.89 1.09 7.37
C VAL A 245 -11.65 0.23 7.63
N VAL A 246 -10.54 0.68 7.05
CA VAL A 246 -9.27 -0.04 7.08
C VAL A 246 -8.25 0.86 7.79
N LEU A 247 -7.68 0.39 8.90
CA LEU A 247 -6.74 1.24 9.65
C LEU A 247 -5.32 0.97 9.17
N LYS A 248 -4.70 1.98 8.57
CA LYS A 248 -3.38 1.87 7.99
C LYS A 248 -2.31 2.44 8.93
N GLY A 249 -1.33 1.61 9.27
CA GLY A 249 -0.23 2.02 10.13
C GLY A 249 -0.25 1.35 11.49
N ILE A 250 -0.87 0.17 11.59
CA ILE A 250 -0.91 -0.61 12.83
C ILE A 250 0.37 -1.44 12.91
N LEU A 251 1.03 -1.42 14.08
CA LEU A 251 2.16 -2.31 14.33
C LEU A 251 2.08 -3.12 15.62
N ALA A 252 1.41 -2.60 16.64
CA ALA A 252 1.29 -3.32 17.92
C ALA A 252 0.16 -4.35 17.84
N VAL A 253 0.40 -5.52 18.40
CA VAL A 253 -0.57 -6.59 18.39
C VAL A 253 -1.86 -6.15 19.04
N GLU A 254 -1.76 -5.44 20.16
CA GLU A 254 -2.99 -5.02 20.81
C GLU A 254 -3.76 -3.95 20.04
N ASP A 255 -3.07 -3.15 19.24
CA ASP A 255 -3.76 -2.22 18.37
C ASP A 255 -4.50 -2.96 17.25
N ALA A 256 -3.92 -4.05 16.75
CA ALA A 256 -4.62 -4.90 15.76
C ALA A 256 -5.89 -5.48 16.36
N ARG A 257 -5.78 -6.04 17.58
CA ARG A 257 -6.98 -6.56 18.24
C ARG A 257 -8.01 -5.51 18.49
N ARG A 258 -7.58 -4.34 18.96
CA ARG A 258 -8.52 -3.27 19.20
C ARG A 258 -9.16 -2.77 17.90
N ALA A 259 -8.41 -2.80 16.78
CA ALA A 259 -8.99 -2.46 15.49
C ALA A 259 -10.17 -3.35 15.13
N VAL A 260 -10.05 -4.64 15.42
CA VAL A 260 -11.13 -5.57 15.16
C VAL A 260 -12.33 -5.26 16.05
N ASP A 261 -12.04 -5.07 17.33
CA ASP A 261 -13.08 -4.70 18.33
C ASP A 261 -13.79 -3.40 17.99
N ALA A 262 -13.05 -2.46 17.37
CA ALA A 262 -13.60 -1.18 16.90
C ALA A 262 -14.42 -1.25 15.60
N GLY A 263 -14.53 -2.41 14.98
CA GLY A 263 -15.33 -2.60 13.79
C GLY A 263 -14.60 -2.32 12.47
N ALA A 264 -13.28 -2.28 12.51
CA ALA A 264 -12.51 -2.19 11.27
C ALA A 264 -12.72 -3.42 10.43
N GLY A 265 -12.85 -3.21 9.12
CA GLY A 265 -12.88 -4.29 8.14
C GLY A 265 -11.51 -4.77 7.72
N GLY A 266 -10.50 -3.98 8.01
CA GLY A 266 -9.12 -4.38 7.71
C GLY A 266 -8.14 -3.51 8.43
N ILE A 267 -6.88 -3.93 8.41
CA ILE A 267 -5.76 -3.12 8.86
C ILE A 267 -4.64 -3.25 7.84
N VAL A 268 -3.78 -2.25 7.79
CA VAL A 268 -2.53 -2.35 7.05
C VAL A 268 -1.40 -2.25 8.06
N VAL A 269 -0.68 -3.35 8.19
CA VAL A 269 0.46 -3.48 9.09
C VAL A 269 1.63 -2.81 8.38
N SER A 270 2.10 -1.70 8.96
CA SER A 270 2.88 -0.74 8.21
C SER A 270 3.63 0.22 9.10
N ASN A 271 4.86 0.55 8.74
CA ASN A 271 5.59 1.68 9.36
C ASN A 271 5.65 2.91 8.44
N HIS A 272 4.73 2.99 7.48
CA HIS A 272 4.60 4.18 6.59
C HIS A 272 5.86 4.33 5.74
N GLY A 273 6.39 3.21 5.27
CA GLY A 273 7.58 3.24 4.45
C GLY A 273 8.80 3.84 5.08
N GLY A 274 8.87 3.76 6.41
CA GLY A 274 9.97 4.33 7.17
C GLY A 274 10.01 5.85 7.19
N ARG A 275 8.85 6.47 6.98
CA ARG A 275 8.73 7.92 6.88
C ARG A 275 8.17 8.56 8.15
N GLN A 276 7.73 7.75 9.11
CA GLN A 276 7.11 8.28 10.32
C GLN A 276 8.08 8.09 11.48
N LEU A 277 7.86 7.16 12.40
CA LEU A 277 8.85 6.97 13.48
C LEU A 277 10.08 6.26 12.94
N ASP A 278 11.24 6.92 12.99
CA ASP A 278 12.50 6.29 12.65
C ASP A 278 12.89 5.34 13.80
N GLY A 279 12.99 4.05 13.50
CA GLY A 279 13.14 2.99 14.53
C GLY A 279 11.88 2.19 14.76
N ALA A 280 10.77 2.55 14.11
CA ALA A 280 9.61 1.69 14.10
C ALA A 280 9.93 0.36 13.42
N VAL A 281 9.53 -0.73 14.06
CA VAL A 281 9.62 -2.09 13.50
C VAL A 281 8.98 -2.18 12.10
N PRO A 282 9.60 -2.93 11.19
CA PRO A 282 8.90 -3.18 9.92
C PRO A 282 7.60 -3.96 10.10
N GLY A 283 6.59 -3.61 9.32
CA GLY A 283 5.32 -4.30 9.37
C GLY A 283 5.46 -5.80 9.14
N ILE A 284 6.31 -6.20 8.18
CA ILE A 284 6.52 -7.60 7.88
CA ILE A 284 6.54 -7.61 7.87
C ILE A 284 6.98 -8.41 9.11
N GLU A 285 7.70 -7.76 10.01
CA GLU A 285 8.16 -8.44 11.25
C GLU A 285 7.06 -8.63 12.32
N MET A 286 5.99 -7.84 12.25
CA MET A 286 4.86 -7.97 13.16
C MET A 286 3.72 -8.77 12.58
N LEU A 287 3.77 -9.03 11.27
CA LEU A 287 2.64 -9.58 10.56
C LEU A 287 2.17 -10.92 11.07
N GLY A 288 3.10 -11.84 11.28
CA GLY A 288 2.72 -13.20 11.73
C GLY A 288 1.99 -13.15 13.07
N GLU A 289 2.54 -12.39 14.03
N GLU A 289 2.54 -12.39 14.01
CA GLU A 289 1.92 -12.23 15.36
CA GLU A 289 1.94 -12.25 15.33
C GLU A 289 0.54 -11.60 15.26
C GLU A 289 0.57 -11.57 15.28
N ILE A 290 0.43 -10.57 14.41
CA ILE A 290 -0.85 -9.88 14.23
C ILE A 290 -1.91 -10.78 13.59
N VAL A 291 -1.49 -11.55 12.58
CA VAL A 291 -2.43 -12.47 11.93
C VAL A 291 -2.98 -13.49 12.91
N ALA A 292 -2.12 -14.02 13.77
CA ALA A 292 -2.56 -14.95 14.80
C ALA A 292 -3.52 -14.29 15.77
N ALA A 293 -3.21 -13.08 16.19
CA ALA A 293 -4.05 -12.39 17.17
C ALA A 293 -5.44 -12.00 16.65
N VAL A 294 -5.58 -11.59 15.38
N VAL A 294 -5.51 -11.65 15.36
CA VAL A 294 -6.90 -11.20 14.90
CA VAL A 294 -6.71 -11.18 14.72
C VAL A 294 -7.70 -12.44 14.50
C VAL A 294 -7.70 -12.34 14.48
N SER A 295 -7.01 -13.53 14.18
N SER A 295 -7.17 -13.55 14.28
CA SER A 295 -7.66 -14.82 13.92
CA SER A 295 -7.98 -14.76 14.14
C SER A 295 -8.91 -14.62 13.06
C SER A 295 -9.03 -14.64 13.04
N GLY A 296 -8.68 -14.05 11.90
CA GLY A 296 -9.68 -13.84 10.85
C GLY A 296 -10.74 -12.78 11.08
N GLY A 297 -10.60 -11.98 12.13
CA GLY A 297 -11.58 -10.95 12.46
C GLY A 297 -11.61 -9.75 11.52
N CYS A 298 -10.55 -9.54 10.75
CA CYS A 298 -10.52 -8.51 9.71
C CYS A 298 -9.45 -8.91 8.69
N GLU A 299 -9.44 -8.26 7.54
CA GLU A 299 -8.40 -8.44 6.55
C GLU A 299 -7.11 -7.85 7.10
N VAL A 300 -5.99 -8.53 6.89
CA VAL A 300 -4.70 -8.03 7.36
C VAL A 300 -3.79 -7.84 6.17
N LEU A 301 -3.58 -6.59 5.79
CA LEU A 301 -2.68 -6.22 4.73
C LEU A 301 -1.34 -5.81 5.32
N VAL A 302 -0.33 -5.78 4.49
CA VAL A 302 0.99 -5.29 4.87
C VAL A 302 1.58 -4.43 3.77
N ASP A 303 2.44 -3.49 4.14
CA ASP A 303 3.25 -2.79 3.18
C ASP A 303 4.66 -2.50 3.68
N GLY A 304 5.47 -1.91 2.81
CA GLY A 304 6.82 -1.53 3.11
C GLY A 304 7.81 -2.41 2.41
N GLY A 305 8.43 -1.89 1.35
CA GLY A 305 9.48 -2.62 0.65
C GLY A 305 9.08 -3.76 -0.26
N ILE A 306 7.81 -3.91 -0.61
CA ILE A 306 7.40 -4.97 -1.53
C ILE A 306 7.94 -4.55 -2.91
N ARG A 307 8.84 -5.36 -3.47
CA ARG A 307 9.54 -5.00 -4.73
C ARG A 307 9.55 -6.12 -5.76
N SER A 308 8.75 -7.16 -5.58
CA SER A 308 8.67 -8.26 -6.53
C SER A 308 7.49 -9.14 -6.19
N GLY A 309 7.15 -10.02 -7.13
CA GLY A 309 6.16 -11.06 -6.87
C GLY A 309 6.62 -12.03 -5.79
N GLY A 310 7.92 -12.29 -5.73
CA GLY A 310 8.48 -13.08 -4.64
C GLY A 310 8.21 -12.46 -3.27
N ASP A 311 8.30 -11.13 -3.19
CA ASP A 311 8.01 -10.44 -1.91
C ASP A 311 6.54 -10.53 -1.57
N VAL A 312 5.68 -10.45 -2.59
CA VAL A 312 4.24 -10.66 -2.38
C VAL A 312 4.00 -12.05 -1.82
N LEU A 313 4.70 -13.04 -2.39
CA LEU A 313 4.55 -14.40 -1.90
C LEU A 313 4.99 -14.51 -0.43
N LYS A 314 6.10 -13.87 -0.08
CA LYS A 314 6.58 -13.87 1.31
C LYS A 314 5.53 -13.28 2.25
N ALA A 315 4.97 -12.14 1.87
CA ALA A 315 3.93 -11.49 2.66
C ALA A 315 2.73 -12.40 2.85
N THR A 316 2.28 -13.04 1.78
CA THR A 316 1.16 -13.97 1.82
CA THR A 316 1.13 -13.94 1.91
C THR A 316 1.48 -15.16 2.75
N ALA A 317 2.68 -15.70 2.60
CA ALA A 317 3.08 -16.86 3.42
C ALA A 317 3.13 -16.51 4.91
N LEU A 318 3.44 -15.25 5.21
CA LEU A 318 3.39 -14.75 6.60
C LEU A 318 1.97 -14.44 7.10
N GLY A 319 0.98 -14.54 6.22
CA GLY A 319 -0.43 -14.41 6.60
C GLY A 319 -1.19 -13.25 6.03
N ALA A 320 -0.53 -12.36 5.29
CA ALA A 320 -1.22 -11.19 4.71
C ALA A 320 -2.32 -11.58 3.73
N SER A 321 -3.42 -10.86 3.76
CA SER A 321 -4.51 -10.96 2.77
C SER A 321 -4.06 -10.39 1.42
N ALA A 322 -3.29 -9.31 1.50
CA ALA A 322 -2.85 -8.55 0.34
C ALA A 322 -1.77 -7.59 0.78
N VAL A 323 -1.05 -7.01 -0.19
CA VAL A 323 -0.04 -6.01 0.09
C VAL A 323 -0.44 -4.67 -0.52
N LEU A 324 0.15 -3.61 -0.02
CA LEU A 324 0.20 -2.35 -0.77
C LEU A 324 1.59 -2.15 -1.34
N VAL A 325 1.67 -1.50 -2.50
CA VAL A 325 2.93 -1.13 -3.12
C VAL A 325 2.93 0.38 -3.39
N GLY A 326 3.96 1.09 -2.91
CA GLY A 326 4.02 2.55 -3.01
C GLY A 326 5.03 3.03 -3.99
N ARG A 327 6.27 3.19 -3.52
CA ARG A 327 7.33 3.78 -4.32
C ARG A 327 7.48 3.20 -5.75
N PRO A 328 7.42 1.86 -5.92
CA PRO A 328 7.61 1.32 -7.28
C PRO A 328 6.59 1.83 -8.30
N VAL A 329 5.36 2.03 -7.85
CA VAL A 329 4.30 2.55 -8.72
C VAL A 329 4.68 3.96 -9.19
N MET A 330 5.25 4.75 -8.28
CA MET A 330 5.68 6.10 -8.61
C MET A 330 6.90 6.12 -9.50
N TRP A 331 7.80 5.15 -9.33
CA TRP A 331 8.92 5.04 -10.29
C TRP A 331 8.42 4.81 -11.70
N ALA A 332 7.42 3.92 -11.84
CA ALA A 332 6.86 3.61 -13.14
C ALA A 332 6.13 4.81 -13.74
N LEU A 333 5.38 5.52 -12.89
CA LEU A 333 4.73 6.77 -13.30
C LEU A 333 5.75 7.79 -13.80
N ALA A 334 6.82 8.00 -13.05
CA ALA A 334 7.86 8.96 -13.43
C ALA A 334 8.52 8.54 -14.74
N ALA A 335 8.80 7.25 -14.87
CA ALA A 335 9.55 6.75 -16.02
C ALA A 335 8.76 6.85 -17.31
N ALA A 336 7.46 6.53 -17.28
CA ALA A 336 6.69 6.40 -18.52
C ALA A 336 5.19 6.59 -18.39
N GLY A 337 4.75 7.34 -17.38
CA GLY A 337 3.35 7.68 -17.23
C GLY A 337 2.43 6.49 -17.08
N GLN A 338 1.23 6.58 -17.65
CA GLN A 338 0.27 5.48 -17.55
C GLN A 338 0.83 4.16 -18.10
N ASP A 339 1.50 4.22 -19.24
CA ASP A 339 2.08 3.03 -19.84
CA ASP A 339 2.06 3.01 -19.84
C ASP A 339 3.11 2.38 -18.93
N GLY A 340 3.91 3.21 -18.25
CA GLY A 340 4.90 2.73 -17.28
C GLY A 340 4.23 1.96 -16.14
N VAL A 341 3.15 2.52 -15.59
CA VAL A 341 2.44 1.84 -14.50
C VAL A 341 1.81 0.54 -15.01
N ARG A 342 1.21 0.55 -16.21
CA ARG A 342 0.72 -0.68 -16.81
C ARG A 342 1.82 -1.74 -16.88
N GLN A 343 3.00 -1.36 -17.35
CA GLN A 343 4.10 -2.32 -17.49
C GLN A 343 4.56 -2.89 -16.14
N LEU A 344 4.67 -2.00 -15.16
CA LEU A 344 4.95 -2.42 -13.78
C LEU A 344 3.93 -3.45 -13.29
N LEU A 345 2.64 -3.15 -13.45
CA LEU A 345 1.59 -4.07 -12.94
C LEU A 345 1.56 -5.39 -13.69
N GLU A 346 1.85 -5.35 -14.99
CA GLU A 346 2.01 -6.57 -15.77
C GLU A 346 3.20 -7.42 -15.30
N LEU A 347 4.31 -6.75 -15.02
CA LEU A 347 5.51 -7.43 -14.50
C LEU A 347 5.22 -8.06 -13.13
N LEU A 348 4.61 -7.29 -12.24
CA LEU A 348 4.24 -7.83 -10.92
CA LEU A 348 4.23 -7.80 -10.93
C LEU A 348 3.28 -8.98 -11.04
N ALA A 349 2.27 -8.87 -11.90
CA ALA A 349 1.35 -9.97 -12.13
C ALA A 349 2.06 -11.24 -12.58
N GLU A 350 3.02 -11.11 -13.50
N GLU A 350 3.01 -11.09 -13.52
CA GLU A 350 3.75 -12.28 -13.95
CA GLU A 350 3.81 -12.22 -14.00
C GLU A 350 4.61 -12.86 -12.82
C GLU A 350 4.63 -12.83 -12.87
N GLU A 351 5.25 -11.98 -12.05
CA GLU A 351 6.13 -12.45 -10.96
C GLU A 351 5.32 -13.14 -9.86
N VAL A 352 4.13 -12.62 -9.57
CA VAL A 352 3.25 -13.24 -8.57
C VAL A 352 2.79 -14.62 -9.03
N ARG A 353 2.32 -14.74 -10.27
N ARG A 353 2.33 -14.72 -10.27
CA ARG A 353 1.93 -16.03 -10.80
CA ARG A 353 1.93 -16.00 -10.83
C ARG A 353 3.10 -17.02 -10.82
C ARG A 353 3.08 -17.01 -10.82
N ASP A 354 4.27 -16.54 -11.22
CA ASP A 354 5.49 -17.39 -11.29
C ASP A 354 5.83 -17.91 -9.89
N ALA A 355 5.88 -16.99 -8.94
CA ALA A 355 6.26 -17.34 -7.56
C ALA A 355 5.25 -18.31 -6.97
N MET A 356 3.96 -18.03 -7.14
CA MET A 356 2.92 -18.93 -6.60
C MET A 356 3.04 -20.33 -7.15
N GLY A 357 3.15 -20.45 -8.47
CA GLY A 357 3.23 -21.76 -9.08
C GLY A 357 4.48 -22.53 -8.71
N LEU A 358 5.62 -21.85 -8.74
CA LEU A 358 6.86 -22.46 -8.28
C LEU A 358 6.77 -22.96 -6.85
N ALA A 359 5.97 -22.28 -6.02
CA ALA A 359 5.75 -22.70 -4.63
C ALA A 359 4.58 -23.68 -4.43
N GLY A 360 3.96 -24.13 -5.53
CA GLY A 360 2.90 -25.10 -5.48
C GLY A 360 1.56 -24.55 -5.05
N CYS A 361 1.30 -23.29 -5.33
CA CYS A 361 0.05 -22.67 -4.87
C CYS A 361 -0.82 -22.29 -6.05
N GLU A 362 -1.98 -22.92 -6.13
CA GLU A 362 -2.95 -22.64 -7.19
CA GLU A 362 -2.95 -22.63 -7.21
C GLU A 362 -3.82 -21.43 -6.86
N SER A 363 -3.78 -20.98 -5.60
CA SER A 363 -4.54 -19.85 -5.12
C SER A 363 -3.78 -19.10 -4.04
N VAL A 364 -4.17 -17.86 -3.85
CA VAL A 364 -3.60 -17.06 -2.77
C VAL A 364 -3.84 -17.71 -1.39
N GLY A 365 -5.01 -18.31 -1.19
CA GLY A 365 -5.28 -19.03 0.07
C GLY A 365 -4.24 -20.10 0.36
N ALA A 366 -3.86 -20.86 -0.68
CA ALA A 366 -2.79 -21.83 -0.55
C ALA A 366 -1.45 -21.19 -0.18
N ALA A 367 -1.15 -20.04 -0.79
CA ALA A 367 0.09 -19.33 -0.47
C ALA A 367 0.12 -18.91 1.02
N ARG A 368 -1.04 -18.60 1.57
CA ARG A 368 -1.11 -18.21 2.97
C ARG A 368 -0.76 -19.37 3.89
N ARG A 369 -0.94 -20.60 3.40
CA ARG A 369 -0.60 -21.79 4.17
C ARG A 369 0.85 -22.26 4.01
N LEU A 370 1.62 -21.60 3.17
CA LEU A 370 3.06 -21.89 3.08
C LEU A 370 3.77 -21.56 4.39
N ASN A 371 4.78 -22.35 4.71
CA ASN A 371 5.67 -22.00 5.80
C ASN A 371 6.91 -21.24 5.30
N THR A 372 7.55 -20.58 6.25
CA THR A 372 8.74 -19.77 6.02
C THR A 372 9.83 -20.12 7.01
N LYS A 373 11.05 -19.71 6.68
CA LYS A 373 12.21 -19.90 7.55
C LYS A 373 13.04 -18.63 7.46
N LEU A 374 13.45 -18.10 8.60
CA LEU A 374 14.32 -16.92 8.64
C LEU A 374 15.77 -17.32 8.41
N GLY A 375 16.46 -16.56 7.56
CA GLY A 375 17.87 -16.78 7.25
C GLY A 375 18.70 -15.56 7.60
N VAL A 376 19.89 -15.47 7.00
CA VAL A 376 20.78 -14.30 7.22
C VAL A 376 21.22 -13.63 5.91
N VAL A 377 21.53 -12.34 6.04
CA VAL A 377 21.85 -11.39 4.95
C VAL A 377 21.02 -11.60 3.67
N1 FMN B . 0.57 7.00 3.24
C2 FMN B . -0.64 7.51 3.56
O2 FMN B . -1.39 6.84 4.33
N3 FMN B . -1.04 8.72 3.06
C4 FMN B . -0.28 9.48 2.25
O4 FMN B . -0.67 10.60 1.80
C4A FMN B . 1.05 8.98 1.88
N5 FMN B . 1.87 9.65 1.06
C5A FMN B . 3.10 9.14 0.74
C6 FMN B . 3.95 9.85 -0.11
C7 FMN B . 5.17 9.33 -0.48
C7M FMN B . 6.11 10.06 -1.42
C8 FMN B . 5.57 8.01 0.01
C8M FMN B . 6.90 7.41 -0.40
C9 FMN B . 4.73 7.31 0.85
C9A FMN B . 3.51 7.80 1.23
N10 FMN B . 2.64 7.10 2.10
C10 FMN B . 1.42 7.65 2.45
C1' FMN B . 2.97 5.77 2.65
C2' FMN B . 2.61 4.67 1.65
O2' FMN B . 1.19 4.53 1.59
C3' FMN B . 3.23 3.33 2.06
O3' FMN B . 2.82 3.02 3.41
C4' FMN B . 4.75 3.35 2.03
O4' FMN B . 5.23 4.02 0.85
C5' FMN B . 5.39 1.96 2.14
O5' FMN B . 5.41 1.32 0.94
P FMN B . 6.65 1.25 -0.17
O1P FMN B . 6.78 2.65 -0.73
O2P FMN B . 7.96 0.71 0.34
O3P FMN B . 6.01 0.28 -1.11
C BEZ C . 3.62 10.77 3.81
O1 BEZ C . 2.56 10.20 4.13
O2 BEZ C . 4.77 10.29 4.01
C1 BEZ C . 3.49 12.16 3.28
C2 BEZ C . 2.25 12.54 2.76
C3 BEZ C . 2.09 13.83 2.28
C4 BEZ C . 3.13 14.75 2.31
C5 BEZ C . 4.36 14.40 2.84
C6 BEZ C . 4.53 13.11 3.32
C BEZ D . 9.95 -12.44 12.75
O1 BEZ D . 8.90 -13.15 12.84
O2 BEZ D . 10.66 -12.21 13.76
C1 BEZ D . 10.41 -11.88 11.44
C2 BEZ D . 11.69 -11.33 11.31
C3 BEZ D . 12.13 -10.80 10.08
C4 BEZ D . 11.28 -10.82 8.98
C5 BEZ D . 9.99 -11.37 9.13
C6 BEZ D . 9.56 -11.89 10.34
C BEZ E . 0.89 17.93 7.10
O1 BEZ E . 1.74 18.45 7.88
O2 BEZ E . 0.75 18.32 5.92
C1 BEZ E . 0.04 16.81 7.61
C2 BEZ E . -0.62 15.96 6.73
C3 BEZ E . -1.41 14.93 7.22
C4 BEZ E . -1.55 14.73 8.59
C5 BEZ E . -0.90 15.59 9.47
C6 BEZ E . -0.11 16.61 8.98
#